data_3EMH
#
_entry.id   3EMH
#
_cell.length_a   78.440
_cell.length_b   98.290
_cell.length_c   80.030
_cell.angle_alpha   90.00
_cell.angle_beta   90.00
_cell.angle_gamma   90.00
#
_symmetry.space_group_name_H-M   'C 2 2 21'
#
loop_
_entity.id
_entity.type
_entity.pdbx_description
1 polymer 'WD repeat-containing protein 5'
2 polymer 'Mixed-lineage leukemia protein 1'
3 non-polymer 'SULFATE ION'
4 water water
#
loop_
_entity_poly.entity_id
_entity_poly.type
_entity_poly.pdbx_seq_one_letter_code
_entity_poly.pdbx_strand_id
1 'polypeptide(L)'
;GPLGSPEFQSKPTPVKPNYALKFTLAGHTKAVSSVKFSPNGEWLASSSADKLIKIWGAYDGKFEKTISGHKLGISDVAWS
SDSNLLVSASDDKTLKIWDVSSGKCLKTLKGHSNYVFCCNFNPQSNLIVSGSFDESVRIWDVKTGKCLKTLPAHSDPVSA
VHFNRDGSLIVSSSYDGLCRIWDTASGQCLKTLIDDDNPPVSFVKFSPNGKYILAATLDNTLKLWDYSKGKCLKTYTGHK
NEKYCIFANFSVTGGKWIVSGSEDNLVYIWNLQTKEIVQKLQGHTDVVISTACHPTENIIASAALENDKTIKLWKSDC
;
A
2 'polypeptide(L)' ARAEVHLRKSAFD B
#
# COMPACT_ATOMS: atom_id res chain seq x y z
N PRO A 17 -1.19 -21.39 9.02
CA PRO A 17 -1.45 -21.52 7.57
C PRO A 17 -0.33 -22.31 6.91
N ASN A 18 -0.54 -22.70 5.67
CA ASN A 18 0.47 -23.47 4.94
C ASN A 18 0.65 -22.93 3.53
N TYR A 19 0.98 -21.65 3.42
CA TYR A 19 1.17 -21.05 2.10
C TYR A 19 2.32 -21.68 1.35
N ALA A 20 2.05 -22.07 0.10
CA ALA A 20 3.04 -22.69 -0.75
C ALA A 20 3.12 -21.93 -2.07
N LEU A 21 4.33 -21.80 -2.61
CA LEU A 21 4.53 -21.09 -3.86
C LEU A 21 3.78 -21.78 -5.00
N LYS A 22 3.00 -21.02 -5.74
CA LYS A 22 2.25 -21.58 -6.85
C LYS A 22 2.69 -21.00 -8.19
N PHE A 23 2.93 -19.70 -8.23
CA PHE A 23 3.35 -19.04 -9.46
C PHE A 23 4.33 -17.89 -9.20
N THR A 24 5.18 -17.63 -10.19
CA THR A 24 6.13 -16.52 -10.12
C THR A 24 5.86 -15.71 -11.38
N LEU A 25 5.59 -14.43 -11.19
CA LEU A 25 5.27 -13.52 -12.29
C LEU A 25 6.44 -12.63 -12.69
N ALA A 26 7.00 -12.90 -13.86
CA ALA A 26 8.13 -12.14 -14.37
C ALA A 26 7.66 -11.22 -15.49
N GLY A 27 8.18 -10.01 -15.52
CA GLY A 27 7.78 -9.07 -16.56
C GLY A 27 8.35 -7.69 -16.36
N HIS A 28 8.33 -7.20 -15.12
CA HIS A 28 8.86 -5.88 -14.84
C HIS A 28 10.38 -5.88 -15.05
N THR A 29 10.91 -4.78 -15.58
CA THR A 29 12.33 -4.69 -15.86
C THR A 29 13.13 -3.99 -14.76
N LYS A 30 12.43 -3.57 -13.72
CA LYS A 30 13.06 -2.93 -12.57
C LYS A 30 12.29 -3.36 -11.34
N ALA A 31 12.76 -2.91 -10.18
CA ALA A 31 12.12 -3.25 -8.92
C ALA A 31 10.60 -3.09 -8.96
N VAL A 32 9.89 -4.02 -8.36
CA VAL A 32 8.44 -3.93 -8.28
C VAL A 32 8.22 -3.06 -7.04
N SER A 33 7.22 -2.19 -7.06
CA SER A 33 6.97 -1.32 -5.92
C SER A 33 5.70 -1.61 -5.13
N SER A 34 4.70 -2.18 -5.78
N SER A 34 4.69 -2.17 -5.79
CA SER A 34 3.46 -2.52 -5.09
CA SER A 34 3.43 -2.46 -5.11
C SER A 34 2.65 -3.54 -5.87
C SER A 34 2.57 -3.46 -5.88
N VAL A 35 1.83 -4.29 -5.15
CA VAL A 35 0.94 -5.28 -5.76
C VAL A 35 -0.37 -5.20 -4.99
N LYS A 36 -1.49 -5.29 -5.71
CA LYS A 36 -2.82 -5.21 -5.09
C LYS A 36 -3.80 -6.11 -5.84
N PHE A 37 -4.65 -6.80 -5.11
CA PHE A 37 -5.66 -7.66 -5.73
C PHE A 37 -6.91 -6.81 -5.97
N SER A 38 -7.56 -7.00 -7.11
CA SER A 38 -8.77 -6.26 -7.38
C SER A 38 -9.84 -6.76 -6.39
N PRO A 39 -10.74 -5.87 -5.96
CA PRO A 39 -11.78 -6.26 -5.00
C PRO A 39 -12.64 -7.44 -5.46
N ASN A 40 -12.83 -7.60 -6.77
CA ASN A 40 -13.64 -8.71 -7.26
C ASN A 40 -12.83 -10.01 -7.37
N GLY A 41 -11.59 -9.95 -6.90
CA GLY A 41 -10.71 -11.11 -6.89
C GLY A 41 -10.20 -11.68 -8.20
N GLU A 42 -10.53 -11.03 -9.31
CA GLU A 42 -10.11 -11.51 -10.61
C GLU A 42 -8.67 -11.19 -11.00
N TRP A 43 -8.18 -10.02 -10.57
CA TRP A 43 -6.86 -9.59 -10.98
C TRP A 43 -5.90 -9.13 -9.90
N LEU A 44 -4.64 -9.05 -10.32
CA LEU A 44 -3.57 -8.56 -9.47
C LEU A 44 -2.96 -7.44 -10.29
N ALA A 45 -2.79 -6.26 -9.69
CA ALA A 45 -2.17 -5.14 -10.38
C ALA A 45 -0.82 -4.91 -9.71
N SER A 46 0.19 -4.58 -10.50
CA SER A 46 1.51 -4.31 -9.96
C SER A 46 2.07 -3.02 -10.54
N SER A 47 2.86 -2.32 -9.76
CA SER A 47 3.50 -1.09 -10.21
C SER A 47 5.00 -1.31 -10.04
N SER A 48 5.80 -0.56 -10.78
CA SER A 48 7.23 -0.74 -10.73
C SER A 48 8.04 0.52 -11.01
N ALA A 49 9.31 0.47 -10.64
CA ALA A 49 10.24 1.55 -10.90
C ALA A 49 10.45 1.65 -12.40
N ASP A 50 9.98 0.65 -13.15
CA ASP A 50 10.13 0.68 -14.60
C ASP A 50 9.08 1.54 -15.29
N LYS A 51 8.32 2.30 -14.48
CA LYS A 51 7.28 3.21 -14.95
C LYS A 51 6.00 2.54 -15.46
N LEU A 52 5.90 1.24 -15.28
CA LEU A 52 4.74 0.51 -15.77
C LEU A 52 3.86 -0.13 -14.72
N ILE A 53 2.61 -0.36 -15.12
CA ILE A 53 1.62 -1.02 -14.30
C ILE A 53 1.32 -2.29 -15.10
N LYS A 54 1.25 -3.44 -14.43
CA LYS A 54 0.92 -4.67 -15.12
C LYS A 54 -0.25 -5.35 -14.43
N ILE A 55 -1.07 -6.04 -15.21
CA ILE A 55 -2.23 -6.74 -14.70
C ILE A 55 -2.01 -8.24 -14.92
N TRP A 56 -2.32 -9.03 -13.90
CA TRP A 56 -2.13 -10.49 -13.98
C TRP A 56 -3.36 -11.22 -13.41
N GLY A 57 -3.59 -12.43 -13.90
CA GLY A 57 -4.71 -13.21 -13.40
C GLY A 57 -4.43 -13.57 -11.94
N ALA A 58 -5.39 -13.31 -11.06
CA ALA A 58 -5.21 -13.58 -9.65
C ALA A 58 -5.08 -15.05 -9.25
N TYR A 59 -5.70 -15.95 -10.02
CA TYR A 59 -5.65 -17.37 -9.70
C TYR A 59 -4.61 -18.18 -10.45
N ASP A 60 -4.32 -17.79 -11.70
CA ASP A 60 -3.34 -18.51 -12.50
C ASP A 60 -2.05 -17.73 -12.72
N GLY A 61 -2.04 -16.48 -12.26
CA GLY A 61 -0.86 -15.65 -12.44
C GLY A 61 -0.56 -15.34 -13.89
N LYS A 62 -1.52 -15.63 -14.74
CA LYS A 62 -1.38 -15.40 -16.17
C LYS A 62 -1.32 -13.91 -16.49
N PHE A 63 -0.27 -13.48 -17.19
CA PHE A 63 -0.11 -12.09 -17.55
C PHE A 63 -1.32 -11.64 -18.37
N GLU A 64 -1.85 -10.46 -18.05
CA GLU A 64 -3.01 -9.94 -18.75
C GLU A 64 -2.69 -8.75 -19.66
N LYS A 65 -2.12 -7.69 -19.09
CA LYS A 65 -1.80 -6.50 -19.89
C LYS A 65 -0.88 -5.51 -19.17
N THR A 66 -0.31 -4.59 -19.94
CA THR A 66 0.58 -3.57 -19.41
C THR A 66 -0.05 -2.18 -19.64
N ILE A 67 -0.02 -1.34 -18.62
CA ILE A 67 -0.59 0.01 -18.70
C ILE A 67 0.56 1.01 -18.54
N SER A 68 0.79 1.82 -19.56
N SER A 68 0.79 1.82 -19.56
CA SER A 68 1.88 2.80 -19.54
CA SER A 68 1.87 2.79 -19.56
C SER A 68 1.40 4.24 -19.66
C SER A 68 1.42 4.24 -19.68
N GLY A 69 2.30 5.16 -19.29
CA GLY A 69 1.96 6.57 -19.36
C GLY A 69 2.81 7.43 -18.44
N HIS A 70 3.17 6.92 -17.27
CA HIS A 70 3.98 7.70 -16.35
C HIS A 70 5.38 7.94 -16.92
N LYS A 71 5.94 9.09 -16.61
CA LYS A 71 7.27 9.47 -17.11
C LYS A 71 8.42 8.99 -16.24
N LEU A 72 8.12 8.64 -14.99
CA LEU A 72 9.13 8.16 -14.06
C LEU A 72 8.57 7.00 -13.25
N GLY A 73 9.40 6.43 -12.38
CA GLY A 73 8.99 5.29 -11.57
C GLY A 73 7.72 5.49 -10.79
N ILE A 74 7.01 4.38 -10.56
CA ILE A 74 5.76 4.39 -9.81
C ILE A 74 5.98 3.77 -8.44
N SER A 75 5.42 4.37 -7.40
CA SER A 75 5.58 3.84 -6.05
C SER A 75 4.35 3.14 -5.51
N ASP A 76 3.19 3.36 -6.12
CA ASP A 76 1.97 2.75 -5.61
C ASP A 76 0.88 2.73 -6.68
N VAL A 77 -0.01 1.75 -6.57
CA VAL A 77 -1.15 1.62 -7.47
C VAL A 77 -2.27 1.08 -6.60
N ALA A 78 -3.50 1.49 -6.86
CA ALA A 78 -4.63 1.05 -6.06
C ALA A 78 -5.89 0.92 -6.90
N TRP A 79 -6.75 -0.02 -6.51
CA TRP A 79 -8.01 -0.29 -7.21
C TRP A 79 -9.19 0.47 -6.66
N SER A 80 -10.15 0.79 -7.52
CA SER A 80 -11.38 1.41 -7.07
C SER A 80 -12.17 0.21 -6.54
N SER A 81 -13.15 0.47 -5.67
CA SER A 81 -13.91 -0.61 -5.07
C SER A 81 -14.66 -1.52 -6.03
N ASP A 82 -15.01 -1.02 -7.22
CA ASP A 82 -15.74 -1.84 -8.19
C ASP A 82 -14.80 -2.53 -9.18
N SER A 83 -13.50 -2.44 -8.92
CA SER A 83 -12.46 -3.05 -9.76
C SER A 83 -12.33 -2.49 -11.18
N ASN A 84 -13.03 -1.40 -11.47
CA ASN A 84 -12.96 -0.82 -12.81
C ASN A 84 -11.82 0.14 -13.06
N LEU A 85 -11.36 0.83 -12.01
CA LEU A 85 -10.30 1.81 -12.13
C LEU A 85 -9.09 1.53 -11.27
N LEU A 86 -7.98 2.17 -11.65
CA LEU A 86 -6.75 2.11 -10.90
C LEU A 86 -6.26 3.53 -10.77
N VAL A 87 -5.54 3.81 -9.69
CA VAL A 87 -4.91 5.10 -9.52
C VAL A 87 -3.46 4.77 -9.16
N SER A 88 -2.51 5.49 -9.76
CA SER A 88 -1.10 5.27 -9.51
C SER A 88 -0.41 6.55 -9.07
N ALA A 89 0.64 6.41 -8.26
CA ALA A 89 1.41 7.54 -7.76
C ALA A 89 2.83 7.41 -8.27
N SER A 90 3.34 8.45 -8.91
CA SER A 90 4.66 8.42 -9.52
C SER A 90 5.62 9.54 -9.15
N ASP A 91 6.91 9.28 -9.39
CA ASP A 91 7.95 10.26 -9.15
C ASP A 91 7.82 11.41 -10.14
N ASP A 92 6.99 11.26 -11.16
CA ASP A 92 6.79 12.34 -12.12
C ASP A 92 5.87 13.41 -11.53
N LYS A 93 5.58 13.25 -10.24
CA LYS A 93 4.77 14.16 -9.44
C LYS A 93 3.28 14.18 -9.74
N THR A 94 2.82 13.17 -10.46
CA THR A 94 1.42 13.05 -10.79
C THR A 94 0.85 11.74 -10.31
N LEU A 95 -0.46 11.67 -10.37
CA LEU A 95 -1.20 10.45 -10.09
C LEU A 95 -1.98 10.32 -11.39
N LYS A 96 -2.28 9.09 -11.77
CA LYS A 96 -3.05 8.87 -12.97
C LYS A 96 -4.19 7.93 -12.63
N ILE A 97 -5.37 8.24 -13.16
CA ILE A 97 -6.55 7.42 -12.97
C ILE A 97 -6.70 6.66 -14.28
N TRP A 98 -6.78 5.34 -14.18
CA TRP A 98 -6.87 4.49 -15.36
C TRP A 98 -8.13 3.65 -15.44
N ASP A 99 -8.64 3.48 -16.66
CA ASP A 99 -9.78 2.60 -16.88
C ASP A 99 -9.09 1.29 -17.22
N VAL A 100 -9.20 0.31 -16.33
CA VAL A 100 -8.53 -0.96 -16.53
C VAL A 100 -8.88 -1.72 -17.82
N SER A 101 -10.17 -1.82 -18.14
CA SER A 101 -10.58 -2.54 -19.33
C SER A 101 -10.02 -1.99 -20.64
N SER A 102 -9.98 -0.67 -20.77
CA SER A 102 -9.48 -0.04 -22.00
C SER A 102 -8.02 0.33 -21.93
N GLY A 103 -7.49 0.48 -20.71
CA GLY A 103 -6.11 0.88 -20.54
C GLY A 103 -5.94 2.38 -20.61
N LYS A 104 -7.03 3.10 -20.86
CA LYS A 104 -7.00 4.55 -20.97
C LYS A 104 -6.66 5.31 -19.69
N CYS A 105 -5.94 6.41 -19.84
CA CYS A 105 -5.62 7.27 -18.72
C CYS A 105 -6.76 8.28 -18.74
N LEU A 106 -7.69 8.17 -17.79
CA LEU A 106 -8.83 9.06 -17.73
C LEU A 106 -8.47 10.46 -17.25
N LYS A 107 -7.56 10.53 -16.29
CA LYS A 107 -7.13 11.80 -15.73
C LYS A 107 -5.72 11.73 -15.19
N THR A 108 -5.02 12.84 -15.27
CA THR A 108 -3.68 12.96 -14.71
C THR A 108 -3.84 14.04 -13.65
N LEU A 109 -3.60 13.67 -12.40
CA LEU A 109 -3.77 14.58 -11.28
C LEU A 109 -2.48 15.33 -10.97
N LYS A 110 -2.49 16.63 -11.25
CA LYS A 110 -1.34 17.47 -11.01
C LYS A 110 -1.61 18.44 -9.87
N GLY A 111 -0.62 18.62 -9.02
CA GLY A 111 -0.78 19.52 -7.89
C GLY A 111 0.34 19.37 -6.88
N HIS A 112 0.79 18.13 -6.66
CA HIS A 112 1.88 17.91 -5.72
C HIS A 112 3.13 18.55 -6.30
N SER A 113 3.98 19.08 -5.42
CA SER A 113 5.21 19.73 -5.86
C SER A 113 6.43 18.84 -5.77
N ASN A 114 6.23 17.58 -5.40
CA ASN A 114 7.31 16.61 -5.32
C ASN A 114 6.72 15.23 -5.59
N TYR A 115 7.56 14.21 -5.57
CA TYR A 115 7.14 12.83 -5.84
C TYR A 115 5.85 12.43 -5.13
N VAL A 116 4.98 11.71 -5.83
CA VAL A 116 3.76 11.22 -5.19
C VAL A 116 4.14 9.79 -4.84
N PHE A 117 3.95 9.43 -3.57
CA PHE A 117 4.37 8.13 -3.05
C PHE A 117 3.31 7.10 -2.75
N CYS A 118 2.13 7.56 -2.38
CA CYS A 118 1.06 6.66 -1.98
C CYS A 118 -0.30 7.17 -2.44
N CYS A 119 -1.25 6.26 -2.61
CA CYS A 119 -2.57 6.65 -3.07
C CYS A 119 -3.63 5.59 -2.78
N ASN A 120 -4.87 6.04 -2.73
CA ASN A 120 -6.00 5.14 -2.49
C ASN A 120 -7.30 5.83 -2.83
N PHE A 121 -8.29 5.05 -3.24
CA PHE A 121 -9.62 5.56 -3.52
C PHE A 121 -10.35 5.47 -2.18
N ASN A 122 -11.41 6.25 -2.02
CA ASN A 122 -12.20 6.13 -0.80
C ASN A 122 -13.20 5.02 -1.14
N PRO A 123 -13.97 4.55 -0.15
CA PRO A 123 -14.95 3.48 -0.40
C PRO A 123 -15.90 3.68 -1.57
N GLN A 124 -16.34 4.93 -1.77
CA GLN A 124 -17.25 5.24 -2.87
C GLN A 124 -16.52 5.51 -4.17
N SER A 125 -15.20 5.38 -4.12
CA SER A 125 -14.36 5.60 -5.29
C SER A 125 -14.69 6.88 -6.05
N ASN A 126 -15.17 7.89 -5.31
CA ASN A 126 -15.49 9.17 -5.92
C ASN A 126 -14.36 10.15 -5.54
N LEU A 127 -13.52 9.73 -4.61
CA LEU A 127 -12.39 10.54 -4.17
C LEU A 127 -11.11 9.71 -4.14
N ILE A 128 -9.99 10.39 -4.28
CA ILE A 128 -8.68 9.77 -4.21
C ILE A 128 -7.88 10.58 -3.20
N VAL A 129 -7.11 9.87 -2.37
CA VAL A 129 -6.25 10.54 -1.41
C VAL A 129 -4.82 10.18 -1.82
N SER A 130 -3.92 11.15 -1.72
CA SER A 130 -2.52 10.93 -2.08
C SER A 130 -1.58 11.54 -1.06
N GLY A 131 -0.39 10.94 -0.96
CA GLY A 131 0.64 11.41 -0.06
C GLY A 131 1.88 11.67 -0.89
N SER A 132 2.61 12.73 -0.56
CA SER A 132 3.78 13.10 -1.36
C SER A 132 5.03 13.45 -0.56
N PHE A 133 6.15 13.51 -1.27
CA PHE A 133 7.41 13.89 -0.65
C PHE A 133 7.34 15.39 -0.36
N ASP A 134 6.30 16.06 -0.88
CA ASP A 134 6.17 17.49 -0.59
C ASP A 134 5.56 17.69 0.80
N GLU A 135 5.41 16.58 1.53
CA GLU A 135 4.91 16.57 2.91
C GLU A 135 3.42 16.84 3.10
N SER A 136 2.68 16.86 2.00
CA SER A 136 1.25 17.10 2.06
C SER A 136 0.43 15.87 1.66
N VAL A 137 -0.85 15.95 1.97
CA VAL A 137 -1.82 14.92 1.61
C VAL A 137 -2.85 15.69 0.77
N ARG A 138 -3.20 15.16 -0.38
CA ARG A 138 -4.20 15.82 -1.21
C ARG A 138 -5.41 14.92 -1.42
N ILE A 139 -6.58 15.54 -1.56
CA ILE A 139 -7.83 14.83 -1.77
C ILE A 139 -8.34 15.31 -3.12
N TRP A 140 -8.56 14.37 -4.03
CA TRP A 140 -9.00 14.68 -5.39
C TRP A 140 -10.36 14.12 -5.77
N ASP A 141 -11.04 14.82 -6.66
CA ASP A 141 -12.33 14.37 -7.15
C ASP A 141 -12.03 13.47 -8.34
N VAL A 142 -12.48 12.22 -8.27
CA VAL A 142 -12.22 11.25 -9.33
C VAL A 142 -12.79 11.62 -10.70
N LYS A 143 -14.06 12.00 -10.75
CA LYS A 143 -14.69 12.34 -12.01
C LYS A 143 -14.08 13.53 -12.74
N THR A 144 -13.80 14.61 -12.02
CA THR A 144 -13.23 15.80 -12.65
C THR A 144 -11.72 15.84 -12.62
N GLY A 145 -11.12 15.09 -11.70
CA GLY A 145 -9.66 15.07 -11.59
C GLY A 145 -9.10 16.31 -10.91
N LYS A 146 -9.98 17.11 -10.31
CA LYS A 146 -9.54 18.32 -9.64
C LYS A 146 -9.21 18.08 -8.18
N CYS A 147 -8.23 18.82 -7.65
CA CYS A 147 -7.86 18.69 -6.26
C CYS A 147 -8.86 19.48 -5.43
N LEU A 148 -9.47 18.82 -4.46
CA LEU A 148 -10.47 19.47 -3.60
C LEU A 148 -9.87 20.09 -2.35
N LYS A 149 -8.88 19.41 -1.78
CA LYS A 149 -8.23 19.89 -0.57
C LYS A 149 -6.77 19.48 -0.49
N THR A 150 -5.96 20.33 0.11
CA THR A 150 -4.55 20.05 0.32
C THR A 150 -4.31 20.22 1.81
N LEU A 151 -3.85 19.14 2.44
CA LEU A 151 -3.60 19.18 3.88
C LEU A 151 -2.11 19.28 4.18
N PRO A 152 -1.70 20.29 4.97
CA PRO A 152 -0.29 20.49 5.35
C PRO A 152 -0.10 19.49 6.49
N ALA A 153 -0.19 18.22 6.12
CA ALA A 153 -0.15 17.09 7.03
C ALA A 153 1.07 16.74 7.84
N HIS A 154 2.25 16.79 7.22
CA HIS A 154 3.46 16.37 7.89
C HIS A 154 4.66 17.28 7.65
N SER A 155 5.79 16.94 8.28
CA SER A 155 7.01 17.72 8.13
C SER A 155 8.13 16.90 7.49
N ASP A 156 7.73 15.84 6.80
CA ASP A 156 8.64 14.95 6.08
C ASP A 156 7.77 14.18 5.09
N PRO A 157 8.39 13.44 4.16
CA PRO A 157 7.60 12.68 3.18
C PRO A 157 6.49 11.83 3.77
N VAL A 158 5.34 11.81 3.08
CA VAL A 158 4.18 11.04 3.49
C VAL A 158 4.31 9.65 2.86
N SER A 159 4.40 8.63 3.71
CA SER A 159 4.59 7.26 3.26
C SER A 159 3.34 6.46 2.90
N ALA A 160 2.20 6.79 3.50
CA ALA A 160 0.97 6.07 3.22
C ALA A 160 -0.25 6.92 3.55
N VAL A 161 -1.35 6.64 2.86
CA VAL A 161 -2.63 7.32 3.05
C VAL A 161 -3.71 6.28 2.81
N HIS A 162 -4.75 6.30 3.66
CA HIS A 162 -5.83 5.32 3.54
C HIS A 162 -7.12 5.88 4.14
N PHE A 163 -8.26 5.59 3.50
CA PHE A 163 -9.55 6.04 4.01
C PHE A 163 -10.10 4.96 4.92
N ASN A 164 -10.92 5.35 5.89
CA ASN A 164 -11.52 4.38 6.79
C ASN A 164 -12.74 3.76 6.11
N ARG A 165 -13.42 2.87 6.81
CA ARG A 165 -14.56 2.13 6.27
C ARG A 165 -15.64 2.92 5.52
N ASP A 166 -16.02 4.09 6.04
CA ASP A 166 -17.06 4.89 5.39
C ASP A 166 -16.50 6.11 4.68
N GLY A 167 -15.18 6.24 4.66
CA GLY A 167 -14.55 7.37 3.98
C GLY A 167 -14.56 8.70 4.70
N SER A 168 -15.08 8.74 5.92
CA SER A 168 -15.13 10.00 6.68
C SER A 168 -13.79 10.41 7.26
N LEU A 169 -12.86 9.47 7.34
CA LEU A 169 -11.54 9.74 7.89
C LEU A 169 -10.44 9.26 6.97
N ILE A 170 -9.29 9.91 7.10
CA ILE A 170 -8.10 9.55 6.33
C ILE A 170 -6.98 9.40 7.34
N VAL A 171 -6.20 8.33 7.21
CA VAL A 171 -5.05 8.17 8.09
C VAL A 171 -3.82 8.31 7.19
N SER A 172 -2.82 9.03 7.70
CA SER A 172 -1.59 9.25 6.96
C SER A 172 -0.40 8.92 7.86
N SER A 173 0.71 8.54 7.24
CA SER A 173 1.92 8.23 7.99
C SER A 173 3.08 8.96 7.32
N SER A 174 4.12 9.26 8.10
CA SER A 174 5.24 10.01 7.57
C SER A 174 6.57 9.68 8.20
N TYR A 175 7.63 10.03 7.48
CA TYR A 175 8.98 9.85 7.96
C TYR A 175 9.19 10.76 9.17
N ASP A 176 8.26 11.69 9.41
CA ASP A 176 8.39 12.58 10.57
C ASP A 176 8.08 11.85 11.87
N GLY A 177 7.76 10.56 11.76
CA GLY A 177 7.47 9.74 12.93
C GLY A 177 6.04 9.74 13.40
N LEU A 178 5.17 10.41 12.65
CA LEU A 178 3.79 10.49 13.04
C LEU A 178 2.76 9.80 12.17
N CYS A 179 1.64 9.49 12.81
N CYS A 179 1.64 9.49 12.81
CA CYS A 179 0.49 8.90 12.15
CA CYS A 179 0.49 8.91 12.16
C CYS A 179 -0.59 9.92 12.50
C CYS A 179 -0.57 9.94 12.50
N ARG A 180 -1.29 10.43 11.49
CA ARG A 180 -2.33 11.41 11.74
C ARG A 180 -3.64 11.01 11.11
N ILE A 181 -4.72 11.35 11.79
CA ILE A 181 -6.06 11.05 11.31
C ILE A 181 -6.73 12.37 10.98
N TRP A 182 -7.27 12.44 9.76
CA TRP A 182 -7.89 13.66 9.27
C TRP A 182 -9.36 13.47 8.95
N ASP A 183 -10.13 14.53 9.15
CA ASP A 183 -11.54 14.52 8.84
C ASP A 183 -11.58 14.84 7.34
N THR A 184 -12.11 13.92 6.55
CA THR A 184 -12.16 14.12 5.10
C THR A 184 -12.88 15.40 4.68
N ALA A 185 -14.01 15.68 5.31
CA ALA A 185 -14.80 16.87 4.95
C ALA A 185 -14.18 18.21 5.34
N SER A 186 -13.67 18.32 6.55
CA SER A 186 -13.09 19.57 7.02
C SER A 186 -11.58 19.70 6.84
N GLY A 187 -10.90 18.56 6.78
CA GLY A 187 -9.45 18.58 6.63
C GLY A 187 -8.73 18.83 7.94
N GLN A 188 -9.47 18.88 9.04
CA GLN A 188 -8.86 19.11 10.34
C GLN A 188 -8.15 17.87 10.85
N CYS A 189 -7.07 18.09 11.59
CA CYS A 189 -6.30 17.00 12.16
C CYS A 189 -7.03 16.59 13.44
N LEU A 190 -7.61 15.40 13.43
CA LEU A 190 -8.35 14.90 14.58
C LEU A 190 -7.51 14.14 15.59
N LYS A 191 -6.36 13.65 15.16
CA LYS A 191 -5.52 12.89 16.07
C LYS A 191 -4.12 12.66 15.54
N THR A 192 -3.16 12.59 16.45
CA THR A 192 -1.78 12.31 16.11
C THR A 192 -1.38 11.13 16.99
N LEU A 193 -0.88 10.07 16.38
CA LEU A 193 -0.47 8.87 17.11
C LEU A 193 1.02 8.65 16.98
N ILE A 194 1.65 8.35 18.11
CA ILE A 194 3.08 8.08 18.18
C ILE A 194 3.33 7.39 19.51
N ASP A 195 4.27 6.47 19.54
CA ASP A 195 4.57 5.72 20.76
C ASP A 195 5.75 6.33 21.52
N ASP A 196 6.41 5.53 22.35
CA ASP A 196 7.52 6.01 23.17
C ASP A 196 8.79 6.39 22.42
N ASP A 197 8.88 6.02 21.15
CA ASP A 197 10.04 6.35 20.32
C ASP A 197 9.52 7.07 19.07
N ASN A 198 10.41 7.69 18.30
CA ASN A 198 10.00 8.42 17.10
C ASN A 198 10.56 7.97 15.75
N PRO A 199 10.59 6.65 15.49
CA PRO A 199 11.11 6.22 14.20
C PRO A 199 10.17 6.58 13.06
N PRO A 200 10.70 6.68 11.83
CA PRO A 200 9.83 7.02 10.70
C PRO A 200 8.70 6.00 10.60
N VAL A 201 7.50 6.47 10.28
CA VAL A 201 6.36 5.57 10.10
C VAL A 201 6.34 5.36 8.59
N SER A 202 6.56 4.11 8.19
CA SER A 202 6.66 3.75 6.78
C SER A 202 5.40 3.23 6.09
N PHE A 203 4.37 2.93 6.87
CA PHE A 203 3.13 2.44 6.29
C PHE A 203 2.03 2.49 7.34
N VAL A 204 0.80 2.68 6.88
CA VAL A 204 -0.35 2.69 7.77
C VAL A 204 -1.62 2.42 6.97
N LYS A 205 -2.59 1.79 7.62
CA LYS A 205 -3.88 1.53 6.99
C LYS A 205 -4.89 1.13 8.05
N PHE A 206 -6.16 1.35 7.77
CA PHE A 206 -7.23 0.98 8.68
C PHE A 206 -7.51 -0.51 8.52
N SER A 207 -8.00 -1.13 9.59
CA SER A 207 -8.35 -2.54 9.58
C SER A 207 -9.65 -2.70 8.79
N PRO A 208 -9.96 -3.92 8.34
CA PRO A 208 -11.20 -4.16 7.59
C PRO A 208 -12.46 -3.64 8.28
N ASN A 209 -12.53 -3.79 9.60
CA ASN A 209 -13.70 -3.31 10.33
C ASN A 209 -13.61 -1.82 10.67
N GLY A 210 -12.49 -1.21 10.33
CA GLY A 210 -12.32 0.21 10.57
C GLY A 210 -12.05 0.66 12.00
N LYS A 211 -11.96 -0.28 12.93
CA LYS A 211 -11.71 0.05 14.33
C LYS A 211 -10.25 0.32 14.66
N TYR A 212 -9.36 -0.30 13.90
CA TYR A 212 -7.94 -0.17 14.18
C TYR A 212 -7.11 0.34 13.03
N ILE A 213 -5.86 0.67 13.32
N ILE A 213 -5.86 0.64 13.34
CA ILE A 213 -4.93 1.09 12.29
CA ILE A 213 -4.89 1.11 12.38
C ILE A 213 -3.66 0.27 12.50
C ILE A 213 -3.64 0.26 12.53
N LEU A 214 -3.13 -0.26 11.40
CA LEU A 214 -1.93 -1.07 11.42
C LEU A 214 -0.84 -0.14 10.90
N ALA A 215 0.21 0.05 11.69
CA ALA A 215 1.29 0.94 11.29
C ALA A 215 2.65 0.29 11.38
N ALA A 216 3.47 0.53 10.36
CA ALA A 216 4.82 0.01 10.31
C ALA A 216 5.79 1.15 10.59
N THR A 217 6.83 0.87 11.36
CA THR A 217 7.86 1.87 11.65
C THR A 217 9.21 1.26 11.29
N LEU A 218 10.14 2.11 10.88
CA LEU A 218 11.46 1.64 10.46
C LEU A 218 12.39 1.22 11.58
N ASP A 219 11.83 0.53 12.56
CA ASP A 219 12.58 -0.01 13.68
C ASP A 219 12.15 -1.47 13.81
N ASN A 220 11.90 -2.10 12.66
CA ASN A 220 11.50 -3.50 12.58
C ASN A 220 10.24 -3.82 13.39
N THR A 221 9.26 -2.93 13.32
CA THR A 221 8.04 -3.13 14.10
C THR A 221 6.74 -2.78 13.41
N LEU A 222 5.72 -3.59 13.66
CA LEU A 222 4.37 -3.36 13.15
C LEU A 222 3.53 -3.23 14.41
N LYS A 223 2.57 -2.33 14.40
CA LYS A 223 1.71 -2.12 15.56
C LYS A 223 0.25 -1.93 15.18
N LEU A 224 -0.63 -2.51 15.98
CA LEU A 224 -2.06 -2.40 15.78
C LEU A 224 -2.57 -1.43 16.85
N TRP A 225 -3.14 -0.32 16.39
CA TRP A 225 -3.66 0.72 17.29
C TRP A 225 -5.17 0.82 17.30
N ASP A 226 -5.72 1.13 18.46
CA ASP A 226 -7.15 1.37 18.57
C ASP A 226 -7.07 2.89 18.47
N TYR A 227 -7.28 3.44 17.27
CA TYR A 227 -7.14 4.87 17.11
C TYR A 227 -8.16 5.70 17.91
N SER A 228 -9.31 5.11 18.21
CA SER A 228 -10.32 5.84 18.99
C SER A 228 -9.77 6.12 20.37
N LYS A 229 -9.18 5.10 20.99
CA LYS A 229 -8.60 5.23 22.33
C LYS A 229 -7.15 5.72 22.26
N GLY A 230 -6.58 5.70 21.06
CA GLY A 230 -5.21 6.13 20.89
C GLY A 230 -4.23 5.25 21.63
N LYS A 231 -4.51 3.96 21.68
CA LYS A 231 -3.66 3.01 22.37
C LYS A 231 -3.17 1.88 21.47
N CYS A 232 -1.94 1.45 21.70
CA CYS A 232 -1.36 0.36 20.93
C CYS A 232 -1.81 -0.95 21.56
N LEU A 233 -2.52 -1.76 20.79
CA LEU A 233 -3.06 -3.02 21.28
C LEU A 233 -2.16 -4.23 21.03
N LYS A 234 -1.45 -4.22 19.90
CA LYS A 234 -0.60 -5.35 19.55
C LYS A 234 0.67 -4.87 18.86
N THR A 235 1.75 -5.61 19.04
CA THR A 235 3.02 -5.30 18.40
C THR A 235 3.47 -6.59 17.72
N TYR A 236 3.93 -6.48 16.48
CA TYR A 236 4.40 -7.63 15.71
C TYR A 236 5.86 -7.40 15.35
N THR A 237 6.71 -8.33 15.78
CA THR A 237 8.13 -8.22 15.53
C THR A 237 8.72 -9.55 15.07
N GLY A 238 9.97 -9.50 14.61
CA GLY A 238 10.63 -10.70 14.13
C GLY A 238 11.20 -10.55 12.73
N HIS A 239 10.68 -9.58 11.99
CA HIS A 239 11.13 -9.32 10.62
C HIS A 239 12.14 -8.18 10.61
N LYS A 240 12.60 -7.83 9.42
CA LYS A 240 13.57 -6.74 9.26
C LYS A 240 12.97 -5.62 8.42
N ASN A 241 12.91 -4.43 8.98
CA ASN A 241 12.35 -3.29 8.27
C ASN A 241 12.93 -2.01 8.86
N GLU A 242 14.01 -1.51 8.25
CA GLU A 242 14.65 -0.29 8.72
C GLU A 242 14.94 0.67 7.57
N LYS A 243 14.70 0.25 6.33
CA LYS A 243 15.03 1.10 5.19
C LYS A 243 13.93 1.39 4.18
N TYR A 244 13.07 0.41 3.90
CA TYR A 244 12.03 0.62 2.90
C TYR A 244 10.62 0.69 3.44
N CYS A 245 9.75 1.34 2.67
CA CYS A 245 8.35 1.47 3.05
C CYS A 245 7.64 0.22 2.52
N ILE A 246 7.57 -0.77 3.40
CA ILE A 246 6.97 -2.07 3.12
C ILE A 246 5.52 -2.12 3.57
N PHE A 247 4.64 -2.57 2.67
CA PHE A 247 3.22 -2.68 2.97
C PHE A 247 2.96 -3.76 4.00
N ALA A 248 1.79 -3.73 4.61
CA ALA A 248 1.38 -4.74 5.59
C ALA A 248 -0.11 -4.98 5.36
N ASN A 249 -0.56 -6.22 5.60
CA ASN A 249 -1.96 -6.56 5.36
C ASN A 249 -2.63 -7.33 6.48
N PHE A 250 -3.96 -7.31 6.43
CA PHE A 250 -4.79 -8.08 7.35
C PHE A 250 -5.28 -9.22 6.46
N SER A 251 -4.92 -10.46 6.80
CA SER A 251 -5.39 -11.62 6.04
C SER A 251 -6.63 -12.08 6.79
N VAL A 252 -7.76 -12.20 6.09
CA VAL A 252 -9.00 -12.59 6.75
C VAL A 252 -9.80 -13.74 6.11
N THR A 253 -9.33 -14.26 4.99
CA THR A 253 -10.05 -15.34 4.31
C THR A 253 -10.03 -16.65 5.10
N GLY A 254 -8.92 -16.89 5.82
CA GLY A 254 -8.81 -18.09 6.62
C GLY A 254 -8.58 -17.63 8.06
N GLY A 255 -7.41 -17.94 8.60
CA GLY A 255 -7.12 -17.50 9.95
C GLY A 255 -6.87 -16.00 9.89
N LYS A 256 -7.03 -15.31 11.01
CA LYS A 256 -6.79 -13.87 11.02
C LYS A 256 -5.31 -13.60 11.25
N TRP A 257 -4.61 -13.22 10.18
CA TRP A 257 -3.18 -12.96 10.27
C TRP A 257 -2.81 -11.54 9.87
N ILE A 258 -1.54 -11.22 10.14
CA ILE A 258 -0.95 -9.95 9.74
C ILE A 258 0.14 -10.45 8.79
N VAL A 259 0.24 -9.83 7.62
CA VAL A 259 1.22 -10.23 6.60
C VAL A 259 2.09 -9.05 6.21
N SER A 260 3.37 -9.30 6.00
CA SER A 260 4.27 -8.22 5.60
C SER A 260 5.56 -8.73 4.97
N GLY A 261 6.11 -7.91 4.08
CA GLY A 261 7.37 -8.25 3.46
C GLY A 261 8.44 -7.95 4.48
N SER A 262 9.69 -8.26 4.15
CA SER A 262 10.80 -8.03 5.07
C SER A 262 12.08 -7.80 4.29
N GLU A 263 13.03 -7.11 4.91
CA GLU A 263 14.30 -6.82 4.27
C GLU A 263 15.28 -7.99 4.26
N ASP A 264 14.84 -9.14 4.76
CA ASP A 264 15.65 -10.35 4.73
C ASP A 264 15.11 -11.26 3.62
N ASN A 265 14.38 -10.65 2.69
CA ASN A 265 13.79 -11.32 1.53
C ASN A 265 12.69 -12.33 1.79
N LEU A 266 12.06 -12.26 2.96
CA LEU A 266 10.99 -13.20 3.31
C LEU A 266 9.66 -12.51 3.53
N VAL A 267 8.59 -13.30 3.46
CA VAL A 267 7.25 -12.81 3.75
C VAL A 267 6.94 -13.35 5.13
N TYR A 268 6.55 -12.48 6.05
CA TYR A 268 6.22 -12.90 7.41
C TYR A 268 4.72 -12.92 7.63
N ILE A 269 4.25 -13.91 8.38
CA ILE A 269 2.84 -14.04 8.70
C ILE A 269 2.72 -14.26 10.21
N TRP A 270 1.97 -13.38 10.86
CA TRP A 270 1.76 -13.45 12.31
C TRP A 270 0.30 -13.73 12.64
N ASN A 271 0.08 -14.31 13.82
CA ASN A 271 -1.26 -14.56 14.31
C ASN A 271 -1.62 -13.16 14.85
N LEU A 272 -2.70 -12.58 14.35
CA LEU A 272 -3.09 -11.24 14.76
C LEU A 272 -3.30 -11.09 16.26
N GLN A 273 -3.93 -12.08 16.89
CA GLN A 273 -4.20 -11.99 18.32
C GLN A 273 -3.01 -12.36 19.21
N THR A 274 -2.34 -13.48 18.91
CA THR A 274 -1.22 -13.91 19.74
C THR A 274 0.10 -13.21 19.42
N LYS A 275 0.20 -12.66 18.21
CA LYS A 275 1.40 -11.95 17.77
C LYS A 275 2.57 -12.89 17.46
N GLU A 276 2.30 -14.20 17.47
CA GLU A 276 3.34 -15.17 17.17
C GLU A 276 3.50 -15.32 15.66
N ILE A 277 4.73 -15.56 15.21
CA ILE A 277 4.99 -15.76 13.80
C ILE A 277 4.49 -17.17 13.48
N VAL A 278 3.65 -17.30 12.46
CA VAL A 278 3.12 -18.62 12.11
C VAL A 278 3.71 -19.20 10.83
N GLN A 279 4.36 -18.35 10.03
CA GLN A 279 5.00 -18.81 8.80
C GLN A 279 5.86 -17.74 8.16
N LYS A 280 6.89 -18.18 7.45
CA LYS A 280 7.81 -17.30 6.74
C LYS A 280 7.96 -17.89 5.35
N LEU A 281 7.67 -17.09 4.33
CA LEU A 281 7.76 -17.56 2.95
C LEU A 281 9.09 -17.19 2.31
N GLN A 282 9.83 -18.21 1.89
CA GLN A 282 11.14 -18.02 1.26
C GLN A 282 11.08 -18.26 -0.23
N GLY A 283 11.85 -17.47 -0.98
CA GLY A 283 11.87 -17.62 -2.44
C GLY A 283 12.42 -16.40 -3.16
N HIS A 284 12.06 -15.21 -2.69
CA HIS A 284 12.54 -13.99 -3.32
C HIS A 284 14.04 -13.83 -3.09
N THR A 285 14.70 -13.11 -4.01
CA THR A 285 16.14 -12.90 -3.93
C THR A 285 16.51 -11.49 -3.51
N ASP A 286 15.50 -10.70 -3.13
CA ASP A 286 15.74 -9.34 -2.69
C ASP A 286 14.59 -8.95 -1.77
N VAL A 287 14.69 -7.75 -1.20
CA VAL A 287 13.68 -7.24 -0.28
C VAL A 287 12.26 -7.38 -0.80
N VAL A 288 11.37 -7.90 0.05
CA VAL A 288 9.96 -8.04 -0.30
C VAL A 288 9.34 -6.72 0.15
N ILE A 289 9.05 -5.88 -0.82
CA ILE A 289 8.51 -4.54 -0.60
C ILE A 289 7.00 -4.46 -0.44
N SER A 290 6.30 -5.41 -1.03
CA SER A 290 4.84 -5.37 -0.99
C SER A 290 4.20 -6.75 -0.98
N THR A 291 3.09 -6.85 -0.28
CA THR A 291 2.32 -8.08 -0.19
C THR A 291 0.86 -7.67 -0.25
N ALA A 292 0.03 -8.59 -0.72
CA ALA A 292 -1.42 -8.35 -0.83
C ALA A 292 -2.12 -9.68 -0.58
N CYS A 293 -3.30 -9.60 0.03
CA CYS A 293 -4.09 -10.79 0.35
C CYS A 293 -5.36 -10.82 -0.50
N HIS A 294 -5.61 -11.96 -1.15
CA HIS A 294 -6.79 -12.11 -1.99
C HIS A 294 -8.05 -11.92 -1.16
N PRO A 295 -9.07 -11.24 -1.72
CA PRO A 295 -10.31 -11.00 -0.97
C PRO A 295 -11.17 -12.19 -0.59
N THR A 296 -11.06 -13.31 -1.31
CA THR A 296 -11.89 -14.47 -0.98
C THR A 296 -11.15 -15.80 -0.82
N GLU A 297 -10.01 -15.94 -1.48
CA GLU A 297 -9.23 -17.17 -1.39
C GLU A 297 -7.99 -16.94 -0.55
N ASN A 298 -7.43 -18.01 0.01
CA ASN A 298 -6.23 -17.91 0.82
C ASN A 298 -5.04 -17.81 -0.13
N ILE A 299 -4.90 -16.64 -0.74
CA ILE A 299 -3.82 -16.39 -1.68
C ILE A 299 -3.10 -15.11 -1.30
N ILE A 300 -1.77 -15.16 -1.33
CA ILE A 300 -0.95 -14.01 -1.01
C ILE A 300 -0.07 -13.68 -2.20
N ALA A 301 0.05 -12.41 -2.53
CA ALA A 301 0.92 -11.96 -3.61
C ALA A 301 2.05 -11.21 -2.94
N SER A 302 3.27 -11.43 -3.39
CA SER A 302 4.44 -10.74 -2.83
C SER A 302 5.27 -10.20 -3.98
N ALA A 303 5.95 -9.08 -3.76
CA ALA A 303 6.78 -8.47 -4.80
C ALA A 303 8.12 -8.04 -4.23
N ALA A 304 9.17 -8.14 -5.03
CA ALA A 304 10.51 -7.81 -4.56
C ALA A 304 11.21 -6.71 -5.35
N LEU A 305 12.29 -6.20 -4.76
CA LEU A 305 13.05 -5.12 -5.37
C LEU A 305 13.97 -5.45 -6.54
N GLU A 306 14.83 -4.49 -6.90
CA GLU A 306 15.72 -4.57 -8.05
C GLU A 306 16.49 -5.85 -8.38
N ASN A 307 17.02 -6.53 -7.37
CA ASN A 307 17.79 -7.75 -7.62
C ASN A 307 16.92 -8.97 -7.92
N ASP A 308 15.60 -8.81 -7.73
CA ASP A 308 14.64 -9.89 -7.93
C ASP A 308 13.70 -9.61 -9.12
N LYS A 309 12.95 -8.50 -9.02
CA LYS A 309 12.03 -8.05 -10.05
C LYS A 309 10.78 -8.90 -10.30
N THR A 310 10.53 -9.88 -9.44
CA THR A 310 9.35 -10.72 -9.65
C THR A 310 8.28 -10.61 -8.59
N ILE A 311 7.12 -11.15 -8.93
CA ILE A 311 5.95 -11.19 -8.07
C ILE A 311 5.69 -12.67 -7.87
N LYS A 312 5.33 -13.06 -6.66
CA LYS A 312 5.04 -14.46 -6.40
C LYS A 312 3.66 -14.62 -5.79
N LEU A 313 2.98 -15.69 -6.20
CA LEU A 313 1.65 -16.00 -5.69
C LEU A 313 1.73 -17.26 -4.86
N TRP A 314 1.27 -17.16 -3.60
CA TRP A 314 1.29 -18.27 -2.67
C TRP A 314 -0.14 -18.64 -2.28
N LYS A 315 -0.39 -19.93 -2.09
CA LYS A 315 -1.73 -20.37 -1.71
C LYS A 315 -1.69 -21.34 -0.53
N SER A 316 -2.65 -21.19 0.39
CA SER A 316 -2.74 -22.03 1.57
C SER A 316 -3.94 -22.96 1.49
N ALA B 1 11.63 6.95 -5.81
CA ALA B 1 10.47 6.03 -5.67
C ALA B 1 10.68 5.02 -4.55
N ARG B 2 9.63 4.31 -4.20
CA ARG B 2 9.64 3.31 -3.13
C ARG B 2 10.81 2.33 -3.17
N ALA B 3 11.26 1.99 -4.36
CA ALA B 3 12.36 1.04 -4.52
C ALA B 3 13.71 1.60 -4.06
N GLU B 4 13.74 2.89 -3.75
CA GLU B 4 14.96 3.55 -3.30
C GLU B 4 14.84 4.01 -1.85
N VAL B 5 15.95 3.96 -1.12
CA VAL B 5 15.95 4.37 0.29
C VAL B 5 15.96 5.89 0.42
N HIS B 6 15.16 6.40 1.36
CA HIS B 6 15.11 7.83 1.60
C HIS B 6 15.95 8.20 2.82
#